data_3WBI
#
_entry.id   3WBI
#
_cell.length_a   129.570
_cell.length_b   129.570
_cell.length_c   70.510
_cell.angle_alpha   90.000
_cell.angle_beta   90.000
_cell.angle_gamma   90.000
#
_symmetry.space_group_name_H-M   'P 41 21 2'
#
loop_
_entity.id
_entity.type
_entity.pdbx_description
1 polymer 'Eukaryotic translation initiation factor 5B'
2 water water
#
_entity_poly.entity_id   1
_entity_poly.type   'polypeptide(L)'
_entity_poly.pdbx_seq_one_letter_code
;GSHMKDLRSPICCILGHVDTGKTKLLDKIRQTNVQGGEAGGITQQIGATYFPIDAIKAKTKVMAEYEKQTFDVPGLLVID
TPGHESFSNLRSRGSSLCNIAILVIDIMHGLEQQTIESIKLLRDRKAPFVVALNKIDRLYDWKAIPNNSFRDSFAKQSRA
VQEEFQSRYSKIQLELAEQGLNSELYFQNKNMSKYVSIVPTSAVTGEGVPDLLWLLLELTQKRMSKQLMYLSHVEATILE
VKVVEGFGTTIDVILSNGYLREGDRIVLCGMNGPIVTNIRALLTPQPLRELRLKSEYVHHKEVKAALGVKIAANDLEKAV
SGSRLLVVGPEDDEDELMDDVMDDLTGLLDSVDTTGKGVVVQASTLGSLEALLDFLKDMKIPVMSIGLGPVYKRDVMKAS
TMLEKAPEYAVMLCFDVKVDKEAEQYAEQEGIKIFNADVIYHLFDSFTAYQEKLLEERRKDFLDYAIFPCVLQTLQIINK
RGPMIIGVDVLEGTLRVGTPICAVKTDPTTKERQTLILGKVISLEINHQPVQEVKKGQTAAGVAVRLEDPSGQQPIWGRH
VDENDTLYSLVSRRSIDTLKDKAFRDQVARSDWLLLKKLKVVFGIE
;
_entity_poly.pdbx_strand_id   A
#
# COMPACT_ATOMS: atom_id res chain seq x y z
N LYS A 5 14.93 -4.74 32.24
CA LYS A 5 14.46 -3.42 31.76
C LYS A 5 12.92 -3.33 31.89
N ASP A 6 12.39 -2.13 31.73
CA ASP A 6 10.98 -1.88 31.92
C ASP A 6 10.30 -1.83 30.56
N LEU A 7 9.51 -2.86 30.25
CA LEU A 7 8.93 -2.97 28.92
C LEU A 7 7.40 -2.89 28.92
N ARG A 8 6.85 -2.24 27.91
CA ARG A 8 5.41 -2.31 27.73
C ARG A 8 5.02 -3.50 26.83
N SER A 9 3.72 -3.74 26.68
CA SER A 9 3.21 -4.86 25.91
C SER A 9 3.50 -4.72 24.42
N PRO A 10 3.97 -5.80 23.80
CA PRO A 10 4.10 -5.79 22.35
C PRO A 10 2.72 -5.60 21.69
N ILE A 11 2.70 -4.81 20.62
CA ILE A 11 1.51 -4.63 19.81
C ILE A 11 1.55 -5.56 18.57
N CYS A 12 0.54 -6.41 18.43
CA CYS A 12 0.47 -7.33 17.30
C CYS A 12 -0.72 -7.01 16.39
N CYS A 13 -0.49 -7.05 15.09
CA CYS A 13 -1.52 -6.73 14.12
C CYS A 13 -1.75 -7.96 13.26
N ILE A 14 -3.01 -8.33 13.13
CA ILE A 14 -3.36 -9.53 12.38
C ILE A 14 -4.02 -9.18 11.04
N LEU A 15 -3.45 -9.69 9.97
CA LEU A 15 -3.97 -9.45 8.62
C LEU A 15 -4.43 -10.72 7.97
N GLY A 16 -5.57 -10.66 7.27
CA GLY A 16 -5.92 -11.71 6.33
C GLY A 16 -7.29 -11.44 5.75
N HIS A 17 -7.60 -12.06 4.62
CA HIS A 17 -8.96 -12.01 4.13
C HIS A 17 -9.83 -12.84 5.07
N VAL A 18 -11.09 -12.44 5.18
CA VAL A 18 -12.11 -13.19 5.93
C VAL A 18 -12.12 -14.71 5.58
N ASP A 19 -11.95 -15.02 4.30
CA ASP A 19 -11.96 -16.41 3.80
C ASP A 19 -10.86 -17.32 4.38
N THR A 20 -9.77 -16.72 4.85
CA THR A 20 -8.69 -17.49 5.47
C THR A 20 -9.03 -18.01 6.88
N GLY A 21 -10.09 -17.47 7.48
CA GLY A 21 -10.48 -17.79 8.86
C GLY A 21 -9.91 -16.80 9.87
N LYS A 22 -9.42 -15.67 9.37
CA LYS A 22 -8.74 -14.67 10.20
C LYS A 22 -9.54 -14.21 11.41
N THR A 23 -10.82 -13.89 11.19
CA THR A 23 -11.69 -13.38 12.25
C THR A 23 -12.10 -14.50 13.20
N LYS A 24 -12.31 -15.70 12.66
CA LYS A 24 -12.53 -16.86 13.52
C LYS A 24 -11.30 -17.14 14.40
N LEU A 25 -10.11 -16.88 13.84
CA LEU A 25 -8.85 -17.19 14.54
C LEU A 25 -8.68 -16.26 15.71
N LEU A 26 -8.80 -14.97 15.43
CA LEU A 26 -8.75 -13.96 16.46
C LEU A 26 -9.72 -14.26 17.59
N ASP A 27 -10.96 -14.60 17.23
CA ASP A 27 -12.00 -14.94 18.24
C ASP A 27 -11.62 -16.16 19.07
N LYS A 28 -10.92 -17.10 18.43
CA LYS A 28 -10.43 -18.30 19.12
C LYS A 28 -9.29 -17.93 20.08
N ILE A 29 -8.42 -17.04 19.62
CA ILE A 29 -7.33 -16.58 20.44
C ILE A 29 -7.87 -15.90 21.70
N ARG A 30 -8.98 -15.19 21.58
CA ARG A 30 -9.54 -14.40 22.69
C ARG A 30 -10.18 -15.26 23.79
N GLN A 31 -10.83 -16.36 23.41
CA GLN A 31 -11.66 -17.14 24.34
C GLN A 31 -10.91 -17.52 25.63
N THR A 32 -11.65 -17.67 26.73
CA THR A 32 -11.03 -17.96 28.03
C THR A 32 -10.62 -19.43 28.16
N ASN A 33 -11.34 -20.32 27.49
CA ASN A 33 -11.11 -21.76 27.65
C ASN A 33 -9.79 -22.24 27.08
N VAL A 34 -9.04 -22.98 27.90
CA VAL A 34 -7.84 -23.71 27.47
C VAL A 34 -7.85 -25.14 28.02
N GLN A 35 -6.84 -25.93 27.66
CA GLN A 35 -6.68 -27.29 28.17
C GLN A 35 -6.52 -27.34 29.69
N GLY A 36 -7.55 -27.85 30.38
CA GLY A 36 -7.54 -27.92 31.84
C GLY A 36 -7.33 -26.57 32.51
N GLY A 37 -8.27 -25.65 32.30
CA GLY A 37 -8.21 -24.33 32.91
C GLY A 37 -8.92 -23.24 32.13
N GLU A 38 -8.77 -22.01 32.62
CA GLU A 38 -9.32 -20.82 31.96
C GLU A 38 -8.26 -19.74 31.90
N ALA A 39 -8.26 -19.01 30.79
CA ALA A 39 -7.36 -17.87 30.61
C ALA A 39 -8.06 -16.61 31.11
N GLY A 40 -7.57 -16.09 32.23
CA GLY A 40 -8.26 -15.04 32.96
C GLY A 40 -7.80 -13.63 32.69
N GLY A 41 -8.77 -12.73 32.55
CA GLY A 41 -8.52 -11.30 32.46
C GLY A 41 -8.26 -10.80 31.05
N ILE A 42 -8.63 -11.59 30.04
CA ILE A 42 -8.55 -11.10 28.66
C ILE A 42 -9.63 -10.05 28.46
N THR A 43 -9.21 -8.83 28.16
CA THR A 43 -10.13 -7.70 28.15
C THR A 43 -10.26 -7.10 26.76
N GLN A 44 -11.49 -6.82 26.38
CA GLN A 44 -11.77 -6.00 25.20
C GLN A 44 -11.50 -4.56 25.54
N GLN A 45 -10.44 -4.01 24.95
CA GLN A 45 -10.20 -2.59 25.05
C GLN A 45 -10.76 -1.92 23.81
N ILE A 46 -10.50 -0.63 23.65
CA ILE A 46 -10.98 0.09 22.49
C ILE A 46 -10.11 -0.17 21.25
N GLY A 47 -10.70 -0.86 20.27
CA GLY A 47 -9.99 -1.22 19.03
C GLY A 47 -8.86 -2.22 19.22
N ALA A 48 -8.84 -2.92 20.37
CA ALA A 48 -7.81 -3.91 20.62
C ALA A 48 -8.24 -4.93 21.68
N THR A 49 -7.61 -6.10 21.63
CA THR A 49 -7.77 -7.14 22.63
C THR A 49 -6.49 -7.20 23.47
N TYR A 50 -6.63 -7.07 24.79
CA TYR A 50 -5.49 -7.08 25.69
C TYR A 50 -5.38 -8.45 26.37
N PHE A 51 -4.19 -9.04 26.32
CA PHE A 51 -3.89 -10.29 27.04
C PHE A 51 -2.89 -10.01 28.17
N PRO A 52 -3.36 -9.98 29.42
CA PRO A 52 -2.40 -9.88 30.53
C PRO A 52 -1.45 -11.09 30.53
N ILE A 53 -0.22 -10.89 30.95
CA ILE A 53 0.80 -11.93 30.89
C ILE A 53 0.38 -13.27 31.54
N ASP A 54 -0.44 -13.18 32.59
CA ASP A 54 -0.98 -14.38 33.26
C ASP A 54 -1.94 -15.16 32.38
N ALA A 55 -2.74 -14.44 31.58
CA ALA A 55 -3.63 -15.10 30.64
C ALA A 55 -2.81 -15.84 29.58
N ILE A 56 -1.69 -15.21 29.18
CA ILE A 56 -0.77 -15.77 28.20
C ILE A 56 -0.09 -17.03 28.74
N LYS A 57 0.37 -16.97 30.01
CA LYS A 57 0.89 -18.17 30.69
C LYS A 57 -0.09 -19.33 30.60
N ALA A 58 -1.35 -19.04 30.88
CA ALA A 58 -2.39 -20.06 30.86
C ALA A 58 -2.62 -20.60 29.45
N LYS A 59 -2.56 -19.72 28.45
CA LYS A 59 -2.82 -20.13 27.08
C LYS A 59 -1.64 -20.87 26.44
N THR A 60 -0.46 -20.72 27.03
CA THR A 60 0.71 -21.36 26.50
C THR A 60 1.30 -22.46 27.39
N LYS A 61 0.61 -22.85 28.46
CA LYS A 61 1.18 -23.85 29.38
C LYS A 61 1.49 -25.15 28.66
N VAL A 62 0.64 -25.52 27.72
CA VAL A 62 0.85 -26.73 26.97
C VAL A 62 2.16 -26.66 26.15
N MET A 63 2.67 -25.45 25.94
CA MET A 63 3.91 -25.24 25.20
C MET A 63 5.15 -25.67 26.03
N ALA A 64 4.95 -25.88 27.34
CA ALA A 64 6.04 -26.35 28.22
C ALA A 64 6.56 -27.71 27.79
N GLU A 65 5.84 -28.41 26.94
CA GLU A 65 6.34 -29.71 26.47
C GLU A 65 7.44 -29.54 25.44
N TYR A 66 7.49 -28.38 24.78
CA TYR A 66 8.42 -28.17 23.68
C TYR A 66 9.40 -27.03 23.84
N GLU A 67 9.15 -26.10 24.76
CA GLU A 67 9.99 -24.91 24.82
C GLU A 67 10.13 -24.40 26.24
N LYS A 68 11.25 -23.73 26.48
CA LYS A 68 11.47 -22.91 27.66
C LYS A 68 10.47 -21.76 27.64
N GLN A 69 9.87 -21.46 28.79
CA GLN A 69 8.89 -20.38 28.92
C GLN A 69 9.49 -19.22 29.68
N THR A 70 9.46 -18.02 29.08
CA THR A 70 9.85 -16.80 29.78
C THR A 70 8.80 -15.71 29.56
N PHE A 71 8.61 -14.87 30.57
CA PHE A 71 7.60 -13.83 30.53
C PHE A 71 8.17 -12.50 31.02
N ASP A 72 8.66 -11.71 30.07
CA ASP A 72 9.38 -10.47 30.35
C ASP A 72 8.60 -9.21 30.02
N VAL A 73 7.34 -9.38 29.58
CA VAL A 73 6.48 -8.25 29.22
C VAL A 73 5.21 -8.38 30.03
N PRO A 74 4.45 -7.27 30.21
CA PRO A 74 3.26 -7.28 31.04
C PRO A 74 2.07 -7.97 30.37
N GLY A 75 2.15 -8.11 29.05
CA GLY A 75 1.06 -8.72 28.32
C GLY A 75 1.24 -8.53 26.85
N LEU A 76 0.13 -8.47 26.14
CA LEU A 76 0.16 -8.49 24.69
C LEU A 76 -1.10 -7.84 24.14
N LEU A 77 -0.91 -6.93 23.20
CA LEU A 77 -2.01 -6.16 22.63
C LEU A 77 -2.20 -6.59 21.16
N VAL A 78 -3.42 -6.97 20.77
CA VAL A 78 -3.73 -7.40 19.38
C VAL A 78 -4.74 -6.47 18.71
N ILE A 79 -4.40 -6.01 17.51
CA ILE A 79 -5.26 -5.17 16.69
C ILE A 79 -5.77 -5.94 15.46
N ASP A 80 -7.08 -5.94 15.22
CA ASP A 80 -7.71 -6.71 14.14
C ASP A 80 -7.32 -6.36 12.70
N THR A 81 -7.29 -5.08 12.35
CA THR A 81 -7.03 -4.68 10.95
C THR A 81 -7.95 -5.40 9.95
N SER A 96 5.72 2.27 11.62
CA SER A 96 5.04 1.03 11.93
C SER A 96 4.65 0.97 13.41
N LEU A 97 3.37 1.18 13.68
CA LEU A 97 2.80 1.04 15.02
C LEU A 97 2.86 -0.40 15.58
N CYS A 98 2.77 -1.40 14.70
CA CYS A 98 2.88 -2.80 15.08
C CYS A 98 4.34 -3.18 15.26
N ASN A 99 4.61 -3.82 16.38
CA ASN A 99 5.89 -4.46 16.59
C ASN A 99 6.01 -5.69 15.74
N ILE A 100 4.88 -6.39 15.56
CA ILE A 100 4.88 -7.63 14.79
C ILE A 100 3.54 -7.80 14.11
N ALA A 101 3.57 -8.30 12.89
CA ALA A 101 2.33 -8.60 12.19
C ALA A 101 2.10 -10.12 12.06
N ILE A 102 0.84 -10.53 12.11
CA ILE A 102 0.47 -11.92 11.90
C ILE A 102 -0.29 -11.97 10.57
N LEU A 103 0.29 -12.65 9.58
CA LEU A 103 -0.35 -12.85 8.30
C LEU A 103 -0.99 -14.23 8.27
N VAL A 104 -2.31 -14.26 8.19
CA VAL A 104 -3.03 -15.51 8.16
C VAL A 104 -3.13 -16.02 6.72
N ILE A 105 -2.61 -17.22 6.49
CA ILE A 105 -2.77 -17.88 5.19
C ILE A 105 -3.54 -19.17 5.38
N ASP A 106 -4.44 -19.47 4.44
CA ASP A 106 -5.24 -20.69 4.46
C ASP A 106 -4.41 -21.82 3.89
N ILE A 107 -4.21 -22.87 4.68
CA ILE A 107 -3.33 -23.99 4.26
C ILE A 107 -3.96 -24.79 3.09
N MET A 108 -5.27 -24.69 2.95
CA MET A 108 -5.99 -25.40 1.92
C MET A 108 -6.00 -24.64 0.58
N HIS A 109 -5.72 -23.34 0.62
CA HIS A 109 -5.66 -22.53 -0.61
C HIS A 109 -4.25 -22.21 -1.04
N GLY A 110 -3.36 -22.05 -0.07
CA GLY A 110 -2.05 -21.49 -0.35
C GLY A 110 -2.13 -19.98 -0.53
N LEU A 111 -1.08 -19.42 -1.13
CA LEU A 111 -1.02 -18.00 -1.43
C LEU A 111 -2.04 -17.61 -2.48
N GLU A 112 -2.79 -16.53 -2.20
CA GLU A 112 -3.71 -15.94 -3.17
C GLU A 112 -3.31 -14.50 -3.45
N GLN A 113 -3.94 -13.88 -4.44
CA GLN A 113 -3.59 -12.52 -4.85
C GLN A 113 -3.50 -11.55 -3.69
N GLN A 114 -4.51 -11.54 -2.81
CA GLN A 114 -4.50 -10.60 -1.68
C GLN A 114 -3.35 -10.85 -0.72
N THR A 115 -3.02 -12.13 -0.49
CA THR A 115 -1.85 -12.49 0.32
C THR A 115 -0.58 -11.90 -0.28
N ILE A 116 -0.43 -12.01 -1.61
CA ILE A 116 0.71 -11.39 -2.32
C ILE A 116 0.79 -9.89 -2.04
N GLU A 117 -0.36 -9.25 -1.98
CA GLU A 117 -0.45 -7.80 -1.78
C GLU A 117 -0.05 -7.43 -0.36
N SER A 118 -0.61 -8.13 0.61
CA SER A 118 -0.25 -7.94 2.01
C SER A 118 1.23 -8.17 2.19
N ILE A 119 1.81 -9.10 1.44
CA ILE A 119 3.26 -9.34 1.55
C ILE A 119 4.09 -8.15 1.07
N LYS A 120 3.84 -7.72 -0.16
CA LYS A 120 4.55 -6.57 -0.72
C LYS A 120 4.44 -5.38 0.21
N LEU A 121 3.24 -5.16 0.72
CA LEU A 121 3.00 -4.13 1.73
C LEU A 121 3.96 -4.25 2.91
N LEU A 122 3.98 -5.43 3.56
CA LEU A 122 4.89 -5.72 4.68
C LEU A 122 6.36 -5.60 4.29
N ARG A 123 6.71 -6.07 3.10
CA ARG A 123 8.07 -5.95 2.57
C ARG A 123 8.48 -4.50 2.34
N ASP A 124 7.54 -3.68 1.88
CA ASP A 124 7.78 -2.27 1.61
C ASP A 124 7.99 -1.48 2.91
N ARG A 125 7.22 -1.83 3.95
CA ARG A 125 7.25 -1.10 5.22
C ARG A 125 8.26 -1.69 6.22
N LYS A 126 9.02 -2.69 5.78
CA LYS A 126 9.99 -3.39 6.63
C LYS A 126 9.37 -3.97 7.92
N ALA A 127 8.06 -4.20 7.91
CA ALA A 127 7.37 -4.79 9.04
C ALA A 127 7.69 -6.28 9.20
N PRO A 128 8.14 -6.68 10.41
CA PRO A 128 8.33 -8.12 10.67
C PRO A 128 6.97 -8.81 10.80
N PHE A 129 6.87 -10.02 10.27
CA PHE A 129 5.64 -10.77 10.43
C PHE A 129 5.86 -12.26 10.56
N VAL A 130 4.83 -12.92 11.09
CA VAL A 130 4.79 -14.35 11.20
C VAL A 130 3.60 -14.81 10.38
N VAL A 131 3.68 -16.02 9.84
CA VAL A 131 2.57 -16.61 9.13
C VAL A 131 1.77 -17.55 10.04
N ALA A 132 0.47 -17.33 10.10
CA ALA A 132 -0.42 -18.28 10.75
C ALA A 132 -0.99 -19.14 9.65
N LEU A 133 -0.58 -20.40 9.62
CA LEU A 133 -1.02 -21.30 8.58
C LEU A 133 -2.29 -21.99 9.08
N ASN A 134 -3.41 -21.34 8.82
CA ASN A 134 -4.70 -21.67 9.41
C ASN A 134 -5.44 -22.76 8.63
N LYS A 135 -6.43 -23.35 9.29
CA LYS A 135 -7.33 -24.39 8.77
C LYS A 135 -6.75 -25.83 8.70
N ILE A 136 -5.82 -26.16 9.58
CA ILE A 136 -5.26 -27.54 9.62
C ILE A 136 -6.35 -28.57 9.99
N ASP A 137 -7.42 -28.11 10.63
CA ASP A 137 -8.56 -28.99 10.91
C ASP A 137 -9.26 -29.47 9.64
N ARG A 138 -9.02 -28.81 8.53
CA ARG A 138 -9.59 -29.21 7.25
C ARG A 138 -8.81 -30.34 6.56
N LEU A 139 -7.66 -30.70 7.12
CA LEU A 139 -6.92 -31.84 6.60
C LEU A 139 -7.73 -33.12 6.84
N TYR A 140 -7.82 -33.95 5.82
CA TYR A 140 -8.62 -35.17 5.86
C TYR A 140 -8.16 -36.07 6.97
N ASP A 141 -9.11 -36.53 7.79
CA ASP A 141 -8.85 -37.45 8.90
C ASP A 141 -8.15 -36.77 10.09
N TRP A 142 -8.17 -35.45 10.12
CA TRP A 142 -7.58 -34.77 11.26
C TRP A 142 -8.33 -35.15 12.53
N LYS A 143 -7.58 -35.52 13.57
CA LYS A 143 -8.14 -35.83 14.88
C LYS A 143 -7.74 -34.74 15.86
N ALA A 144 -8.71 -33.94 16.27
CA ALA A 144 -8.42 -32.72 17.01
C ALA A 144 -8.24 -32.95 18.48
N ILE A 145 -7.29 -32.23 19.05
CA ILE A 145 -7.23 -32.11 20.51
C ILE A 145 -7.39 -30.62 20.75
N PRO A 146 -8.51 -30.20 21.34
CA PRO A 146 -8.80 -28.76 21.46
C PRO A 146 -7.72 -28.03 22.24
N ASN A 147 -7.35 -26.84 21.75
CA ASN A 147 -6.38 -25.93 22.39
C ASN A 147 -5.00 -26.55 22.66
N ASN A 148 -4.69 -27.61 21.94
CA ASN A 148 -3.39 -28.24 22.07
C ASN A 148 -2.31 -27.49 21.31
N SER A 149 -1.06 -27.79 21.59
CA SER A 149 0.04 -27.26 20.79
C SER A 149 0.11 -28.06 19.48
N PHE A 150 0.64 -27.45 18.45
CA PHE A 150 0.66 -28.07 17.13
C PHE A 150 1.44 -29.39 17.13
N ARG A 151 2.67 -29.34 17.60
CA ARG A 151 3.53 -30.51 17.53
C ARG A 151 2.97 -31.73 18.27
N ASP A 152 2.22 -31.48 19.33
CA ASP A 152 1.61 -32.58 20.08
C ASP A 152 0.49 -33.26 19.30
N SER A 153 -0.46 -32.46 18.79
CA SER A 153 -1.54 -33.02 17.95
C SER A 153 -0.97 -33.70 16.73
N PHE A 154 0.02 -33.05 16.10
CA PHE A 154 0.60 -33.55 14.87
C PHE A 154 1.24 -34.92 15.02
N ALA A 155 2.00 -35.12 16.11
CA ALA A 155 2.64 -36.42 16.37
C ALA A 155 1.59 -37.50 16.59
N LYS A 156 0.39 -37.11 17.01
CA LYS A 156 -0.72 -38.05 17.21
C LYS A 156 -1.52 -38.36 15.94
N GLN A 157 -1.11 -37.83 14.80
CA GLN A 157 -1.93 -38.00 13.59
C GLN A 157 -1.42 -39.17 12.76
N SER A 158 -2.27 -39.68 11.88
CA SER A 158 -1.85 -40.75 10.96
C SER A 158 -0.92 -40.23 9.87
N ARG A 159 -0.16 -41.14 9.27
CA ARG A 159 0.76 -40.80 8.19
C ARG A 159 0.03 -40.09 7.02
N ALA A 160 -1.22 -40.46 6.75
CA ALA A 160 -2.01 -39.79 5.70
C ALA A 160 -2.19 -38.31 6.03
N VAL A 161 -2.66 -38.01 7.25
CA VAL A 161 -2.74 -36.65 7.74
C VAL A 161 -1.38 -35.94 7.68
N GLN A 162 -0.36 -36.60 8.19
CA GLN A 162 1.00 -36.08 8.13
C GLN A 162 1.44 -35.83 6.71
N GLU A 163 1.06 -36.73 5.79
CA GLU A 163 1.47 -36.57 4.40
C GLU A 163 0.79 -35.39 3.74
N GLU A 164 -0.52 -35.27 3.98
CA GLU A 164 -1.26 -34.15 3.40
C GLU A 164 -0.69 -32.83 3.94
N PHE A 165 -0.41 -32.77 5.24
CA PHE A 165 0.17 -31.55 5.79
C PHE A 165 1.49 -31.22 5.10
N GLN A 166 2.43 -32.16 5.06
CA GLN A 166 3.75 -31.94 4.43
C GLN A 166 3.62 -31.42 3.02
N SER A 167 2.67 -32.00 2.28
CA SER A 167 2.46 -31.65 0.88
C SER A 167 1.99 -30.21 0.73
N ARG A 168 0.98 -29.81 1.51
CA ARG A 168 0.41 -28.48 1.37
C ARG A 168 1.34 -27.44 1.99
N TYR A 169 1.98 -27.80 3.09
CA TYR A 169 2.97 -26.92 3.71
C TYR A 169 4.19 -26.66 2.81
N SER A 170 4.82 -27.73 2.34
CA SER A 170 6.01 -27.56 1.48
C SER A 170 5.70 -26.73 0.24
N LYS A 171 4.44 -26.75 -0.22
CA LYS A 171 4.06 -26.03 -1.42
C LYS A 171 3.91 -24.55 -1.15
N ILE A 172 3.30 -24.25 -0.01
CA ILE A 172 3.16 -22.88 0.46
C ILE A 172 4.55 -22.29 0.70
N GLN A 173 5.46 -23.11 1.23
CA GLN A 173 6.83 -22.64 1.45
C GLN A 173 7.46 -22.14 0.14
N LEU A 174 7.24 -22.90 -0.93
CA LEU A 174 7.75 -22.56 -2.25
C LEU A 174 7.08 -21.32 -2.85
N GLU A 175 5.77 -21.19 -2.66
CA GLU A 175 5.05 -19.98 -3.03
C GLU A 175 5.58 -18.75 -2.31
N LEU A 176 5.98 -18.90 -1.03
CA LEU A 176 6.55 -17.79 -0.30
C LEU A 176 7.95 -17.47 -0.80
N ALA A 177 8.70 -18.53 -1.14
CA ALA A 177 10.01 -18.35 -1.75
C ALA A 177 9.92 -17.58 -3.06
N GLU A 178 8.85 -17.80 -3.82
CA GLU A 178 8.58 -17.04 -5.05
C GLU A 178 8.41 -15.57 -4.80
N GLN A 179 7.93 -15.20 -3.62
CA GLN A 179 7.78 -13.81 -3.26
C GLN A 179 9.05 -13.26 -2.64
N GLY A 180 10.12 -14.05 -2.67
CA GLY A 180 11.41 -13.61 -2.12
C GLY A 180 11.50 -13.81 -0.63
N LEU A 181 10.56 -14.57 -0.07
CA LEU A 181 10.58 -14.83 1.37
C LEU A 181 11.10 -16.20 1.68
N ASN A 182 12.14 -16.24 2.49
CA ASN A 182 12.58 -17.49 3.07
C ASN A 182 11.73 -17.72 4.33
N SER A 183 11.19 -18.93 4.47
CA SER A 183 10.26 -19.20 5.56
C SER A 183 10.47 -20.61 6.06
N GLU A 184 9.90 -20.92 7.23
CA GLU A 184 10.15 -22.20 7.88
C GLU A 184 9.18 -22.39 9.02
N LEU A 185 8.88 -23.64 9.38
CA LEU A 185 8.11 -23.88 10.58
C LEU A 185 8.88 -23.22 11.71
N TYR A 186 8.19 -22.58 12.65
CA TYR A 186 8.86 -21.71 13.61
C TYR A 186 9.94 -22.44 14.43
N PHE A 187 9.66 -23.68 14.80
CA PHE A 187 10.58 -24.47 15.63
C PHE A 187 11.76 -25.03 14.84
N GLN A 188 11.80 -24.78 13.54
CA GLN A 188 12.91 -25.17 12.68
C GLN A 188 13.62 -23.94 12.11
N ASN A 189 13.23 -22.76 12.58
CA ASN A 189 13.82 -21.51 12.08
C ASN A 189 15.14 -21.16 12.76
N LYS A 190 16.21 -21.18 11.98
CA LYS A 190 17.56 -20.90 12.48
C LYS A 190 17.88 -19.40 12.48
N ASN A 191 17.03 -18.57 11.89
CA ASN A 191 17.24 -17.13 11.94
C ASN A 191 15.94 -16.35 12.04
N MET A 192 15.40 -16.34 13.26
CA MET A 192 14.08 -15.81 13.53
C MET A 192 13.96 -14.32 13.24
N SER A 193 15.09 -13.61 13.27
CA SER A 193 15.06 -12.18 12.97
C SER A 193 15.03 -11.91 11.46
N LYS A 194 15.39 -12.91 10.65
CA LYS A 194 15.36 -12.76 9.19
C LYS A 194 14.25 -13.58 8.50
N TYR A 195 14.31 -14.90 8.63
CA TYR A 195 13.37 -15.81 7.95
C TYR A 195 11.99 -15.79 8.60
N VAL A 196 10.95 -15.94 7.78
CA VAL A 196 9.57 -15.88 8.27
C VAL A 196 9.24 -17.20 8.97
N SER A 197 8.74 -17.07 10.19
CA SER A 197 8.34 -18.22 10.99
C SER A 197 6.88 -18.56 10.67
N ILE A 198 6.59 -19.85 10.48
CA ILE A 198 5.25 -20.31 10.16
C ILE A 198 4.75 -21.09 11.34
N VAL A 199 3.55 -20.76 11.79
CA VAL A 199 2.86 -21.46 12.86
C VAL A 199 1.55 -22.02 12.31
N PRO A 200 1.39 -23.36 12.30
CA PRO A 200 0.09 -23.93 11.91
C PRO A 200 -0.96 -23.78 12.98
N THR A 201 -2.18 -23.40 12.58
CA THR A 201 -3.24 -23.14 13.53
C THR A 201 -4.58 -23.68 13.06
N SER A 202 -5.54 -23.64 13.96
CA SER A 202 -6.91 -24.00 13.65
C SER A 202 -7.80 -23.09 14.48
N ALA A 203 -8.60 -22.28 13.79
CA ALA A 203 -9.55 -21.37 14.41
C ALA A 203 -10.70 -22.14 15.05
N VAL A 204 -11.03 -23.27 14.45
CA VAL A 204 -12.06 -24.16 14.96
C VAL A 204 -11.68 -24.86 16.26
N THR A 205 -10.51 -25.49 16.29
CA THR A 205 -10.18 -26.37 17.43
C THR A 205 -9.28 -25.71 18.49
N GLY A 206 -8.66 -24.58 18.13
CA GLY A 206 -7.69 -23.89 19.01
C GLY A 206 -6.28 -24.46 18.95
N GLU A 207 -6.06 -25.45 18.11
CA GLU A 207 -4.73 -26.05 18.02
C GLU A 207 -3.79 -25.07 17.34
N GLY A 208 -2.55 -25.00 17.82
CA GLY A 208 -1.57 -24.04 17.32
C GLY A 208 -1.66 -22.65 17.93
N VAL A 209 -2.74 -22.37 18.62
CA VAL A 209 -2.84 -21.08 19.29
C VAL A 209 -1.78 -20.93 20.37
N PRO A 210 -1.59 -21.97 21.21
CA PRO A 210 -0.48 -21.89 22.18
C PRO A 210 0.87 -21.59 21.52
N ASP A 211 1.12 -22.22 20.37
CA ASP A 211 2.35 -22.00 19.60
C ASP A 211 2.46 -20.56 19.13
N LEU A 212 1.38 -20.01 18.60
CA LEU A 212 1.42 -18.65 18.03
C LEU A 212 1.75 -17.64 19.14
N LEU A 213 1.03 -17.72 20.26
CA LEU A 213 1.30 -16.83 21.39
C LEU A 213 2.72 -16.98 21.91
N TRP A 214 3.17 -18.21 22.07
CA TRP A 214 4.54 -18.45 22.51
C TRP A 214 5.50 -17.75 21.55
N LEU A 215 5.24 -17.92 20.26
CA LEU A 215 6.14 -17.44 19.24
C LEU A 215 6.21 -15.91 19.23
N LEU A 216 5.06 -15.26 19.45
CA LEU A 216 5.00 -13.79 19.51
C LEU A 216 5.83 -13.19 20.66
N LEU A 217 5.83 -13.84 21.82
CA LEU A 217 6.76 -13.46 22.89
C LEU A 217 8.21 -13.64 22.46
N GLU A 218 8.50 -14.77 21.83
CA GLU A 218 9.88 -15.13 21.49
C GLU A 218 10.43 -14.17 20.45
N LEU A 219 9.54 -13.61 19.63
CA LEU A 219 9.98 -12.63 18.64
C LEU A 219 10.04 -11.21 19.15
N THR A 220 9.45 -10.93 20.31
CA THR A 220 9.38 -9.54 20.79
C THR A 220 10.18 -9.25 22.06
N GLN A 221 9.99 -10.08 23.08
CA GLN A 221 10.57 -9.89 24.43
C GLN A 221 12.02 -9.46 24.46
N LYS A 222 12.85 -10.18 23.71
CA LYS A 222 14.27 -9.90 23.68
C LYS A 222 14.66 -9.26 22.38
N ARG A 223 14.22 -9.86 21.27
CA ARG A 223 14.56 -9.39 19.92
C ARG A 223 14.12 -7.95 19.63
N MET A 224 13.06 -7.50 20.28
CA MET A 224 12.54 -6.14 20.05
C MET A 224 12.47 -5.30 21.33
N SER A 225 13.13 -5.77 22.39
CA SER A 225 13.01 -5.12 23.69
C SER A 225 13.29 -3.63 23.63
N LYS A 226 14.36 -3.23 22.94
CA LYS A 226 14.61 -1.81 22.74
C LYS A 226 13.35 -1.04 22.34
N GLN A 227 12.58 -1.55 21.38
CA GLN A 227 11.35 -0.86 20.95
C GLN A 227 10.24 -0.96 21.99
N LEU A 228 10.29 -1.99 22.82
CA LEU A 228 9.32 -2.15 23.92
C LEU A 228 9.66 -1.40 25.21
N MET A 229 10.84 -0.79 25.26
CA MET A 229 11.28 -0.02 26.43
C MET A 229 10.27 1.06 26.72
N TYR A 230 9.64 0.97 27.88
CA TYR A 230 8.68 1.99 28.26
C TYR A 230 9.38 3.35 28.37
N LEU A 231 8.87 4.33 27.64
CA LEU A 231 9.35 5.70 27.70
C LEU A 231 8.31 6.57 28.39
N SER A 232 8.73 7.77 28.79
CA SER A 232 7.82 8.76 29.33
C SER A 232 7.26 9.62 28.22
N HIS A 233 8.00 9.72 27.12
CA HIS A 233 7.53 10.48 25.98
C HIS A 233 6.33 9.77 25.32
N VAL A 234 5.26 10.52 25.10
CA VAL A 234 4.00 9.96 24.59
C VAL A 234 4.08 9.64 23.08
N GLU A 235 3.85 8.38 22.75
CA GLU A 235 3.66 7.94 21.35
C GLU A 235 2.28 7.34 21.21
N ALA A 236 1.43 7.97 20.42
CA ALA A 236 0.05 7.54 20.29
C ALA A 236 -0.42 7.70 18.86
N THR A 237 -1.39 6.87 18.45
CA THR A 237 -1.87 6.88 17.08
C THR A 237 -3.38 6.74 17.06
N ILE A 238 -4.04 7.61 16.28
CA ILE A 238 -5.50 7.56 16.14
C ILE A 238 -5.87 6.48 15.16
N LEU A 239 -6.64 5.52 15.64
CA LEU A 239 -7.02 4.37 14.85
C LEU A 239 -8.40 4.59 14.23
N GLU A 240 -9.24 5.33 14.94
CA GLU A 240 -10.60 5.58 14.51
C GLU A 240 -11.16 6.87 15.12
N VAL A 241 -12.05 7.51 14.37
CA VAL A 241 -12.75 8.71 14.79
C VAL A 241 -14.22 8.35 14.84
N LYS A 242 -14.82 8.45 16.02
CA LYS A 242 -16.17 7.92 16.21
C LYS A 242 -17.05 8.80 17.09
N VAL A 243 -18.27 9.04 16.63
CA VAL A 243 -19.26 9.76 17.42
C VAL A 243 -19.89 8.81 18.43
N VAL A 244 -19.93 9.23 19.70
CA VAL A 244 -20.50 8.40 20.76
C VAL A 244 -21.54 9.17 21.54
N GLU A 245 -22.68 8.53 21.77
CA GLU A 245 -23.75 9.15 22.56
C GLU A 245 -23.20 9.68 23.88
N GLY A 246 -23.39 10.98 24.09
CA GLY A 246 -22.96 11.65 25.30
C GLY A 246 -21.58 12.31 25.29
N PHE A 247 -20.78 12.03 24.27
CA PHE A 247 -19.42 12.56 24.23
C PHE A 247 -19.12 13.32 22.94
N GLY A 248 -20.09 13.36 22.03
CA GLY A 248 -19.85 13.87 20.69
C GLY A 248 -18.82 13.02 19.96
N THR A 249 -17.98 13.66 19.16
CA THR A 249 -16.92 12.99 18.44
C THR A 249 -15.73 12.64 19.36
N THR A 250 -15.39 11.36 19.43
CA THR A 250 -14.23 10.89 20.18
C THR A 250 -13.18 10.30 19.22
N ILE A 251 -11.98 10.05 19.74
CA ILE A 251 -10.95 9.37 18.98
C ILE A 251 -10.53 8.09 19.73
N ASP A 252 -10.46 7.00 18.98
CA ASP A 252 -9.94 5.75 19.52
C ASP A 252 -8.47 5.73 19.17
N VAL A 253 -7.62 5.59 20.19
CA VAL A 253 -6.18 5.64 19.95
C VAL A 253 -5.50 4.37 20.44
N ILE A 254 -4.34 4.08 19.86
CA ILE A 254 -3.44 3.12 20.46
C ILE A 254 -2.32 3.92 21.07
N LEU A 255 -2.10 3.70 22.37
CA LEU A 255 -1.02 4.36 23.08
C LEU A 255 0.12 3.37 23.24
N SER A 256 1.26 3.70 22.66
CA SER A 256 2.37 2.75 22.59
C SER A 256 3.54 3.11 23.51
N ASN A 257 3.59 4.37 23.92
CA ASN A 257 4.56 4.85 24.92
C ASN A 257 3.99 5.99 25.73
N GLY A 258 4.40 6.07 27.00
CA GLY A 258 4.01 7.19 27.85
C GLY A 258 2.66 7.05 28.52
N TYR A 259 2.18 8.17 29.03
CA TYR A 259 0.95 8.24 29.80
C TYR A 259 0.02 9.22 29.11
N LEU A 260 -1.28 8.93 29.19
CA LEU A 260 -2.31 9.93 28.89
C LEU A 260 -3.07 10.26 30.18
N ARG A 261 -3.41 11.52 30.34
CA ARG A 261 -4.03 11.96 31.59
C ARG A 261 -5.11 12.98 31.27
N GLU A 262 -6.22 12.91 31.99
CA GLU A 262 -7.25 13.91 31.87
C GLU A 262 -6.63 15.29 32.04
N GLY A 263 -6.93 16.19 31.11
CA GLY A 263 -6.38 17.52 31.17
C GLY A 263 -5.23 17.75 30.23
N ASP A 264 -4.55 16.66 29.83
CA ASP A 264 -3.41 16.78 28.90
C ASP A 264 -3.79 17.58 27.67
N ARG A 265 -2.94 18.53 27.28
CA ARG A 265 -3.13 19.21 26.00
C ARG A 265 -2.55 18.35 24.87
N ILE A 266 -3.43 17.90 23.98
CA ILE A 266 -3.04 17.01 22.89
C ILE A 266 -3.06 17.76 21.57
N VAL A 267 -2.33 17.24 20.59
CA VAL A 267 -2.26 17.82 19.25
C VAL A 267 -2.32 16.72 18.19
N LEU A 268 -3.14 16.94 17.17
CA LEU A 268 -3.38 15.91 16.17
C LEU A 268 -3.65 16.57 14.84
N CYS A 269 -3.61 15.76 13.78
CA CYS A 269 -3.89 16.22 12.43
C CYS A 269 -5.40 16.20 12.18
N GLY A 270 -5.91 17.29 11.63
CA GLY A 270 -7.33 17.43 11.30
C GLY A 270 -7.52 17.62 9.81
N MET A 271 -8.76 17.51 9.35
CA MET A 271 -9.06 17.63 7.93
C MET A 271 -8.91 19.04 7.39
N ASN A 272 -8.70 20.00 8.28
CA ASN A 272 -8.40 21.38 7.91
C ASN A 272 -7.30 21.94 8.78
N GLY A 273 -6.17 21.25 8.80
CA GLY A 273 -5.03 21.69 9.59
C GLY A 273 -5.02 21.09 10.98
N PRO A 274 -3.96 21.35 11.76
CA PRO A 274 -3.78 20.73 13.05
C PRO A 274 -4.87 21.12 14.05
N ILE A 275 -5.10 20.24 15.02
CA ILE A 275 -6.08 20.47 16.07
C ILE A 275 -5.35 20.47 17.40
N VAL A 276 -5.58 21.52 18.19
CA VAL A 276 -5.10 21.53 19.58
C VAL A 276 -6.31 21.44 20.49
N THR A 277 -6.25 20.59 21.49
CA THR A 277 -7.31 20.56 22.49
C THR A 277 -6.81 20.01 23.82
N ASN A 278 -7.73 19.79 24.75
CA ASN A 278 -7.40 19.16 26.03
C ASN A 278 -8.24 17.92 26.24
N ILE A 279 -7.62 16.88 26.78
CA ILE A 279 -8.33 15.66 27.12
C ILE A 279 -9.35 15.93 28.22
N ARG A 280 -10.61 15.58 27.93
CA ARG A 280 -11.73 15.71 28.85
C ARG A 280 -11.98 14.38 29.58
N ALA A 281 -11.88 13.28 28.83
CA ALA A 281 -12.07 11.95 29.42
C ALA A 281 -11.23 10.89 28.75
N LEU A 282 -10.90 9.86 29.52
CA LEU A 282 -10.16 8.70 29.05
C LEU A 282 -11.05 7.50 29.33
N LEU A 283 -11.56 6.89 28.28
CA LEU A 283 -12.65 5.93 28.39
C LEU A 283 -12.27 4.54 27.90
N THR A 284 -12.60 3.53 28.70
CA THR A 284 -12.52 2.15 28.26
C THR A 284 -13.89 1.48 28.49
N PRO A 285 -14.17 0.38 27.74
CA PRO A 285 -15.50 -0.23 27.80
C PRO A 285 -15.88 -0.67 29.21
N GLN A 286 -17.15 -0.49 29.56
CA GLN A 286 -17.68 -0.97 30.83
C GLN A 286 -17.84 -2.48 30.72
N PRO A 287 -17.11 -3.23 31.58
CA PRO A 287 -17.14 -4.69 31.54
C PRO A 287 -18.55 -5.27 31.32
N LEU A 288 -19.49 -4.93 32.18
CA LEU A 288 -20.84 -5.50 32.09
C LEU A 288 -21.95 -4.45 31.97
N ARG A 289 -22.39 -4.24 30.73
CA ARG A 289 -23.43 -3.26 30.43
C ARG A 289 -24.82 -3.75 30.79
N GLU A 290 -25.54 -2.92 31.55
CA GLU A 290 -26.93 -3.16 31.89
C GLU A 290 -27.80 -3.36 30.65
N LEU A 291 -27.54 -2.58 29.60
CA LEU A 291 -28.31 -2.65 28.35
C LEU A 291 -27.44 -2.90 27.11
N ARG A 292 -27.99 -3.67 26.17
CA ARG A 292 -27.30 -4.10 24.96
C ARG A 292 -27.05 -2.99 23.92
N LEU A 293 -27.86 -1.93 23.93
CA LEU A 293 -27.74 -0.85 22.95
C LEU A 293 -27.27 0.48 23.57
N LYS A 294 -27.07 0.48 24.88
CA LYS A 294 -26.56 1.65 25.59
C LYS A 294 -25.13 1.39 26.06
N SER A 295 -24.16 1.77 25.22
CA SER A 295 -22.75 1.68 25.57
C SER A 295 -22.46 2.62 26.73
N GLU A 296 -21.64 2.16 27.68
CA GLU A 296 -21.05 3.05 28.67
C GLU A 296 -19.62 2.63 29.05
N TYR A 297 -18.89 3.54 29.68
CA TYR A 297 -17.44 3.41 29.81
C TYR A 297 -16.96 3.66 31.22
N VAL A 298 -15.82 3.06 31.54
CA VAL A 298 -15.08 3.39 32.75
C VAL A 298 -14.20 4.58 32.43
N HIS A 299 -14.34 5.65 33.23
CA HIS A 299 -13.51 6.85 33.12
C HIS A 299 -12.24 6.61 33.89
N HIS A 300 -11.11 7.10 33.36
CA HIS A 300 -9.82 6.98 34.05
C HIS A 300 -9.16 8.34 34.10
N LYS A 301 -8.52 8.63 35.22
CA LYS A 301 -7.78 9.88 35.37
C LYS A 301 -6.53 9.84 34.51
N GLU A 302 -5.94 8.65 34.42
CA GLU A 302 -4.77 8.43 33.57
C GLU A 302 -4.67 7.00 33.07
N VAL A 303 -3.98 6.84 31.93
CA VAL A 303 -3.66 5.52 31.39
C VAL A 303 -2.19 5.47 30.95
N LYS A 304 -1.58 4.30 31.13
CA LYS A 304 -0.18 4.06 30.82
C LYS A 304 -0.06 3.16 29.58
N ALA A 305 0.88 3.47 28.69
CA ALA A 305 1.18 2.58 27.57
C ALA A 305 1.46 1.13 28.04
N ALA A 306 1.04 0.12 27.28
CA ALA A 306 0.38 0.26 25.99
C ALA A 306 -1.05 -0.23 26.08
N LEU A 307 -1.98 0.53 25.51
CA LEU A 307 -3.39 0.13 25.47
C LEU A 307 -4.18 0.85 24.36
N GLY A 308 -5.36 0.34 24.07
CA GLY A 308 -6.32 1.05 23.23
C GLY A 308 -7.26 1.81 24.14
N VAL A 309 -7.47 3.09 23.85
CA VAL A 309 -8.29 3.91 24.72
C VAL A 309 -9.03 4.96 23.90
N LYS A 310 -10.26 5.25 24.34
CA LYS A 310 -11.06 6.29 23.69
C LYS A 310 -10.84 7.61 24.41
N ILE A 311 -10.62 8.67 23.65
CA ILE A 311 -10.45 10.01 24.20
C ILE A 311 -11.64 10.89 23.84
N ALA A 312 -12.27 11.45 24.88
CA ALA A 312 -13.25 12.50 24.70
C ALA A 312 -12.55 13.86 24.86
N ALA A 313 -12.97 14.83 24.05
CA ALA A 313 -12.42 16.19 24.12
C ALA A 313 -13.14 17.08 23.12
N ASN A 314 -13.16 18.37 23.39
CA ASN A 314 -13.74 19.35 22.47
C ASN A 314 -12.90 19.45 21.21
N ASP A 315 -13.55 19.74 20.09
CA ASP A 315 -12.85 20.11 18.85
C ASP A 315 -12.22 18.93 18.11
N LEU A 316 -12.71 17.72 18.34
CA LEU A 316 -12.22 16.55 17.63
C LEU A 316 -13.03 16.22 16.39
N GLU A 317 -14.03 17.06 16.08
CA GLU A 317 -14.96 16.77 14.97
C GLU A 317 -14.26 16.56 13.62
N LYS A 318 -13.13 17.21 13.43
CA LYS A 318 -12.38 17.12 12.18
C LYS A 318 -11.12 16.25 12.29
N ALA A 319 -11.02 15.49 13.38
CA ALA A 319 -9.87 14.59 13.58
C ALA A 319 -9.80 13.59 12.44
N VAL A 320 -8.58 13.18 12.11
CA VAL A 320 -8.38 12.24 11.03
C VAL A 320 -7.74 10.96 11.56
N SER A 321 -8.35 9.83 11.23
CA SER A 321 -7.79 8.53 11.55
C SER A 321 -6.45 8.34 10.85
N GLY A 322 -5.48 7.80 11.58
CA GLY A 322 -4.15 7.57 11.04
C GLY A 322 -3.14 8.57 11.57
N SER A 323 -3.64 9.66 12.16
CA SER A 323 -2.78 10.72 12.71
C SER A 323 -2.03 10.25 13.94
N ARG A 324 -0.85 10.81 14.14
CA ARG A 324 -0.16 10.65 15.41
C ARG A 324 -0.81 11.60 16.41
N LEU A 325 -0.75 11.23 17.69
CA LEU A 325 -1.20 12.13 18.73
C LEU A 325 -0.02 12.51 19.62
N LEU A 326 0.14 13.82 19.85
CA LEU A 326 1.24 14.31 20.70
C LEU A 326 0.70 15.08 21.88
N VAL A 327 1.42 15.01 23.00
CA VAL A 327 1.08 15.78 24.20
C VAL A 327 2.09 16.93 24.37
N VAL A 328 1.60 18.17 24.41
CA VAL A 328 2.48 19.33 24.61
C VAL A 328 2.94 19.36 26.08
N GLY A 329 4.25 19.23 26.28
CA GLY A 329 4.80 19.18 27.63
C GLY A 329 5.17 20.54 28.18
N PRO A 330 5.90 20.58 29.31
CA PRO A 330 6.33 21.84 29.91
C PRO A 330 7.25 22.63 28.97
N GLU A 331 8.34 22.01 28.55
CA GLU A 331 9.36 22.68 27.74
C GLU A 331 9.00 22.78 26.25
N ASP A 332 8.08 21.93 25.80
CA ASP A 332 7.69 21.84 24.39
C ASP A 332 6.97 23.08 23.88
N ASP A 333 7.21 23.43 22.63
CA ASP A 333 6.45 24.48 21.97
C ASP A 333 5.17 23.87 21.40
N GLU A 334 4.05 24.57 21.59
CA GLU A 334 2.75 24.10 21.12
C GLU A 334 2.64 24.14 19.59
N ASP A 335 2.90 25.31 19.00
CA ASP A 335 2.76 25.49 17.55
C ASP A 335 3.78 24.69 16.74
N GLU A 336 4.89 24.32 17.38
CA GLU A 336 5.91 23.49 16.75
C GLU A 336 5.40 22.06 16.58
N LEU A 337 4.79 21.53 17.64
CA LEU A 337 4.24 20.18 17.63
C LEU A 337 3.05 20.04 16.70
N MET A 338 2.38 21.16 16.44
CA MET A 338 1.29 21.25 15.48
C MET A 338 1.73 21.02 14.04
N ASP A 339 2.98 21.38 13.74
CA ASP A 339 3.53 21.12 12.43
C ASP A 339 3.99 19.67 12.34
N ASP A 340 4.66 19.24 13.41
CA ASP A 340 5.12 17.86 13.54
C ASP A 340 4.05 16.86 13.07
N VAL A 341 2.84 16.99 13.61
CA VAL A 341 1.76 16.03 13.30
C VAL A 341 1.20 16.19 11.89
N MET A 342 1.55 17.29 11.23
CA MET A 342 1.14 17.55 9.84
C MET A 342 2.16 17.04 8.81
N ASP A 343 3.35 16.66 9.28
CA ASP A 343 4.39 16.08 8.42
C ASP A 343 3.93 14.85 7.62
N ASP A 344 3.11 14.01 8.22
CA ASP A 344 2.61 12.80 7.57
C ASP A 344 1.78 13.10 6.31
N LEU A 345 0.89 14.10 6.42
CA LEU A 345 0.13 14.60 5.27
C LEU A 345 1.04 15.38 4.31
N THR A 346 1.84 16.28 4.87
CA THR A 346 2.84 17.03 4.09
C THR A 346 3.60 16.11 3.14
N GLY A 347 4.04 14.97 3.65
CA GLY A 347 4.72 13.96 2.85
C GLY A 347 3.87 13.50 1.67
N LEU A 348 2.59 13.26 1.93
CA LEU A 348 1.64 12.84 0.89
C LEU A 348 1.39 13.91 -0.17
N LEU A 349 1.58 15.17 0.22
CA LEU A 349 1.43 16.29 -0.70
C LEU A 349 2.50 16.27 -1.79
N ASP A 350 3.67 15.72 -1.47
CA ASP A 350 4.78 15.57 -2.42
C ASP A 350 4.41 14.75 -3.66
N SER A 351 3.27 14.05 -3.60
CA SER A 351 2.81 13.21 -4.71
C SER A 351 2.00 14.02 -5.73
N VAL A 352 1.44 15.15 -5.30
CA VAL A 352 0.54 15.89 -6.18
C VAL A 352 1.28 16.60 -7.32
N ASP A 353 0.59 16.69 -8.45
CA ASP A 353 1.09 17.38 -9.62
C ASP A 353 1.43 18.84 -9.32
N THR A 354 2.69 19.21 -9.55
CA THR A 354 3.15 20.59 -9.33
C THR A 354 3.03 21.40 -10.62
N THR A 355 3.28 20.74 -11.74
CA THR A 355 3.21 21.36 -13.06
C THR A 355 1.80 21.17 -13.60
N GLY A 356 0.92 22.12 -13.30
CA GLY A 356 -0.48 22.01 -13.69
C GLY A 356 -1.19 21.04 -12.76
N LYS A 357 -2.17 20.31 -13.32
CA LYS A 357 -3.12 19.57 -12.51
C LYS A 357 -3.46 18.16 -13.06
N GLY A 358 -4.05 17.32 -12.20
CA GLY A 358 -4.68 16.04 -12.60
C GLY A 358 -6.03 15.80 -11.92
N VAL A 359 -6.22 14.64 -11.29
CA VAL A 359 -7.49 14.36 -10.61
C VAL A 359 -7.56 14.88 -9.16
N VAL A 360 -8.78 14.97 -8.63
CA VAL A 360 -9.00 15.33 -7.23
C VAL A 360 -9.16 14.06 -6.39
N VAL A 361 -8.48 14.00 -5.26
CA VAL A 361 -8.51 12.84 -4.38
C VAL A 361 -8.97 13.23 -2.98
N GLN A 362 -9.94 12.47 -2.47
CA GLN A 362 -10.46 12.68 -1.11
C GLN A 362 -10.55 11.34 -0.39
N ALA A 363 -10.12 11.29 0.87
CA ALA A 363 -10.15 10.04 1.62
C ALA A 363 -10.54 10.23 3.08
N SER A 364 -10.90 9.12 3.72
CA SER A 364 -11.33 9.10 5.12
C SER A 364 -10.17 9.13 6.11
N THR A 365 -9.03 8.55 5.72
CA THR A 365 -7.92 8.38 6.63
C THR A 365 -6.61 8.66 5.92
N LEU A 366 -5.55 8.87 6.70
CA LEU A 366 -4.21 9.05 6.13
C LEU A 366 -3.70 7.79 5.43
N GLY A 367 -4.12 6.64 5.94
CA GLY A 367 -3.74 5.36 5.36
C GLY A 367 -4.43 5.15 4.03
N SER A 368 -5.74 5.30 4.01
CA SER A 368 -6.51 5.17 2.78
C SER A 368 -6.09 6.18 1.70
N LEU A 369 -5.79 7.41 2.12
CA LEU A 369 -5.23 8.41 1.18
C LEU A 369 -3.91 7.97 0.57
N GLU A 370 -2.98 7.52 1.41
CA GLU A 370 -1.69 7.05 0.90
C GLU A 370 -1.87 5.92 -0.11
N ALA A 371 -2.84 5.04 0.16
CA ALA A 371 -3.12 3.88 -0.71
C ALA A 371 -3.68 4.30 -2.05
N LEU A 372 -4.54 5.32 -2.04
CA LEU A 372 -5.13 5.86 -3.25
C LEU A 372 -4.08 6.54 -4.10
N LEU A 373 -3.28 7.39 -3.47
CA LEU A 373 -2.18 8.07 -4.15
C LEU A 373 -1.27 7.07 -4.82
N ASP A 374 -0.92 6.00 -4.08
CA ASP A 374 -0.02 4.96 -4.57
C ASP A 374 -0.65 4.18 -5.72
N PHE A 375 -1.93 3.84 -5.57
CA PHE A 375 -2.66 3.20 -6.64
C PHE A 375 -2.73 4.09 -7.88
N LEU A 376 -2.89 5.40 -7.67
CA LEU A 376 -2.91 6.32 -8.82
C LEU A 376 -1.51 6.53 -9.38
N LYS A 377 -0.49 6.41 -8.53
CA LYS A 377 0.89 6.60 -8.97
C LYS A 377 1.33 5.57 -10.01
N ASP A 378 1.07 4.30 -9.75
CA ASP A 378 1.51 3.26 -10.67
C ASP A 378 0.56 3.05 -11.86
N MET A 379 -0.62 3.67 -11.79
CA MET A 379 -1.52 3.78 -12.94
C MET A 379 -1.13 5.02 -13.77
N LYS A 380 -0.13 5.74 -13.31
CA LYS A 380 0.39 6.95 -13.99
C LYS A 380 -0.68 8.01 -14.21
N ILE A 381 -1.52 8.23 -13.21
CA ILE A 381 -2.56 9.24 -13.29
C ILE A 381 -2.23 10.39 -12.33
N PRO A 382 -2.14 11.62 -12.86
CA PRO A 382 -1.71 12.72 -12.01
C PRO A 382 -2.82 13.18 -11.05
N VAL A 383 -2.38 13.75 -9.93
CA VAL A 383 -3.25 14.15 -8.85
C VAL A 383 -3.15 15.66 -8.71
N MET A 384 -4.28 16.34 -8.88
CA MET A 384 -4.29 17.78 -8.78
C MET A 384 -4.27 18.22 -7.33
N SER A 385 -5.07 17.53 -6.51
CA SER A 385 -5.35 17.97 -5.16
C SER A 385 -5.77 16.80 -4.29
N ILE A 386 -5.50 16.92 -3.00
CA ILE A 386 -5.84 15.89 -2.03
C ILE A 386 -6.57 16.51 -0.84
N GLY A 387 -7.37 15.68 -0.18
CA GLY A 387 -8.17 16.14 0.96
C GLY A 387 -8.64 15.02 1.84
N LEU A 388 -9.12 15.39 3.02
CA LEU A 388 -9.62 14.43 3.99
C LEU A 388 -11.03 14.78 4.43
N GLY A 389 -11.84 13.75 4.68
CA GLY A 389 -13.21 13.95 5.16
C GLY A 389 -14.23 14.28 4.09
N PRO A 390 -15.45 14.63 4.53
CA PRO A 390 -16.60 14.98 3.68
C PRO A 390 -16.24 15.83 2.48
N VAL A 391 -16.84 15.51 1.34
CA VAL A 391 -16.72 16.31 0.12
C VAL A 391 -17.79 17.41 0.08
N TYR A 392 -17.37 18.63 -0.25
CA TYR A 392 -18.28 19.77 -0.35
C TYR A 392 -18.23 20.41 -1.72
N LYS A 393 -19.09 21.41 -1.94
CA LYS A 393 -19.15 22.13 -3.22
C LYS A 393 -17.75 22.63 -3.58
N ARG A 394 -17.06 23.20 -2.58
CA ARG A 394 -15.69 23.68 -2.73
C ARG A 394 -14.83 22.64 -3.46
N ASP A 395 -14.84 21.41 -2.95
CA ASP A 395 -13.99 20.33 -3.44
C ASP A 395 -14.29 19.91 -4.90
N VAL A 396 -15.57 19.81 -5.25
CA VAL A 396 -15.91 19.48 -6.64
C VAL A 396 -15.64 20.66 -7.57
N MET A 397 -15.58 21.86 -6.99
CA MET A 397 -15.30 23.08 -7.75
C MET A 397 -13.83 23.11 -8.15
N LYS A 398 -12.97 22.51 -7.33
CA LYS A 398 -11.59 22.29 -7.72
C LYS A 398 -11.51 21.44 -8.98
N ALA A 399 -12.37 20.43 -9.07
CA ALA A 399 -12.40 19.50 -10.20
C ALA A 399 -12.87 20.14 -11.52
N SER A 400 -13.71 21.17 -11.40
CA SER A 400 -14.29 21.86 -12.56
C SER A 400 -13.26 22.64 -13.39
N THR A 401 -12.06 22.85 -12.83
CA THR A 401 -10.99 23.54 -13.54
C THR A 401 -10.34 22.63 -14.61
N MET A 402 -10.81 21.38 -14.68
CA MET A 402 -10.33 20.41 -15.68
C MET A 402 -11.34 20.19 -16.79
N LEU A 403 -12.48 20.87 -16.71
CA LEU A 403 -13.52 20.75 -17.73
C LEU A 403 -13.05 21.26 -19.09
N GLU A 404 -12.19 22.28 -19.08
CA GLU A 404 -11.63 22.85 -20.31
C GLU A 404 -10.33 22.14 -20.76
N LYS A 405 -9.41 21.95 -19.80
CA LYS A 405 -8.07 21.46 -20.09
C LYS A 405 -8.06 19.99 -20.52
N ALA A 406 -8.46 19.11 -19.57
CA ALA A 406 -8.50 17.68 -19.84
C ALA A 406 -9.67 17.10 -19.07
N PRO A 407 -10.79 16.88 -19.78
CA PRO A 407 -12.03 16.36 -19.15
C PRO A 407 -11.85 14.94 -18.60
N GLU A 408 -10.90 14.19 -19.19
CA GLU A 408 -10.54 12.85 -18.72
C GLU A 408 -10.19 12.86 -17.22
N TYR A 409 -9.88 14.05 -16.68
CA TYR A 409 -9.59 14.24 -15.26
C TYR A 409 -10.60 15.14 -14.53
N ALA A 410 -11.80 15.32 -15.10
CA ALA A 410 -12.90 16.00 -14.41
C ALA A 410 -13.55 15.00 -13.45
N VAL A 411 -12.69 14.39 -12.64
CA VAL A 411 -13.03 13.21 -11.83
C VAL A 411 -12.55 13.40 -10.40
N MET A 412 -13.37 12.92 -9.45
CA MET A 412 -12.97 12.88 -8.04
C MET A 412 -12.87 11.43 -7.59
N LEU A 413 -11.77 11.08 -6.92
CA LEU A 413 -11.63 9.75 -6.32
C LEU A 413 -11.77 9.81 -4.81
N CYS A 414 -12.95 9.42 -4.34
CA CYS A 414 -13.29 9.47 -2.94
C CYS A 414 -13.34 8.06 -2.38
N PHE A 415 -12.82 7.91 -1.17
CA PHE A 415 -12.86 6.64 -0.47
C PHE A 415 -13.46 6.84 0.92
N ASP A 416 -14.64 6.27 1.15
CA ASP A 416 -15.24 6.20 2.48
C ASP A 416 -15.57 7.59 3.07
N VAL A 417 -16.10 8.48 2.23
CA VAL A 417 -16.48 9.82 2.69
C VAL A 417 -17.86 10.19 2.16
N LYS A 418 -18.57 11.04 2.90
CA LYS A 418 -19.87 11.51 2.46
C LYS A 418 -19.67 12.62 1.46
N VAL A 419 -20.46 12.60 0.39
CA VAL A 419 -20.55 13.75 -0.51
C VAL A 419 -21.78 14.54 -0.09
N ASP A 420 -21.60 15.86 0.07
CA ASP A 420 -22.69 16.74 0.45
C ASP A 420 -23.78 16.75 -0.62
N LYS A 421 -25.03 16.94 -0.20
CA LYS A 421 -26.18 17.04 -1.11
C LYS A 421 -26.00 18.15 -2.14
N GLU A 422 -25.57 19.33 -1.66
CA GLU A 422 -25.27 20.47 -2.51
C GLU A 422 -24.18 20.14 -3.53
N ALA A 423 -23.12 19.49 -3.04
CA ALA A 423 -21.96 19.11 -3.86
C ALA A 423 -22.30 18.04 -4.88
N GLU A 424 -23.13 17.09 -4.49
CA GLU A 424 -23.58 16.03 -5.38
C GLU A 424 -24.41 16.65 -6.51
N GLN A 425 -25.31 17.55 -6.14
CA GLN A 425 -26.17 18.23 -7.10
C GLN A 425 -25.39 19.11 -8.07
N TYR A 426 -24.38 19.81 -7.56
CA TYR A 426 -23.49 20.59 -8.42
C TYR A 426 -22.77 19.70 -9.42
N ALA A 427 -22.41 18.48 -9.00
CA ALA A 427 -21.57 17.58 -9.78
C ALA A 427 -22.16 17.18 -11.13
N GLU A 428 -23.44 16.81 -11.16
CA GLU A 428 -24.10 16.46 -12.43
C GLU A 428 -24.68 17.68 -13.16
N GLN A 429 -24.82 18.79 -12.43
CA GLN A 429 -25.12 20.08 -13.04
C GLN A 429 -23.98 20.49 -13.96
N GLU A 430 -22.76 20.12 -13.55
CA GLU A 430 -21.55 20.45 -14.31
C GLU A 430 -20.88 19.23 -14.94
N GLY A 431 -21.44 18.04 -14.71
CA GLY A 431 -20.90 16.79 -15.26
C GLY A 431 -19.51 16.38 -14.75
N ILE A 432 -19.35 16.31 -13.43
CA ILE A 432 -18.09 15.85 -12.81
C ILE A 432 -18.28 14.44 -12.30
N LYS A 433 -17.38 13.52 -12.71
CA LYS A 433 -17.48 12.12 -12.30
C LYS A 433 -17.00 11.91 -10.85
N ILE A 434 -17.85 11.26 -10.06
CA ILE A 434 -17.50 10.98 -8.66
C ILE A 434 -17.45 9.48 -8.41
N PHE A 435 -16.26 9.02 -8.01
CA PHE A 435 -16.09 7.63 -7.63
C PHE A 435 -16.01 7.54 -6.11
N ASN A 436 -16.88 6.74 -5.52
CA ASN A 436 -16.92 6.61 -4.07
C ASN A 436 -17.25 5.19 -3.64
N ALA A 437 -16.55 4.70 -2.62
CA ALA A 437 -16.75 3.35 -2.11
C ALA A 437 -16.35 3.19 -0.65
N ASP A 438 -17.02 2.26 0.04
CA ASP A 438 -16.70 1.89 1.42
C ASP A 438 -15.57 0.87 1.46
N VAL A 439 -15.33 0.20 0.33
CA VAL A 439 -14.28 -0.81 0.22
C VAL A 439 -13.23 -0.36 -0.79
N ILE A 440 -11.96 -0.53 -0.45
CA ILE A 440 -10.86 -0.01 -1.27
C ILE A 440 -10.80 -0.62 -2.67
N TYR A 441 -11.13 -1.91 -2.76
CA TYR A 441 -10.95 -2.67 -3.99
C TYR A 441 -12.01 -2.35 -5.05
N HIS A 442 -13.26 -2.20 -4.61
CA HIS A 442 -14.36 -1.88 -5.52
C HIS A 442 -14.14 -0.54 -6.21
N LEU A 443 -13.74 0.46 -5.43
CA LEU A 443 -13.34 1.77 -5.97
C LEU A 443 -12.19 1.60 -6.97
N PHE A 444 -11.15 0.91 -6.53
CA PHE A 444 -9.98 0.60 -7.35
C PHE A 444 -10.37 -0.03 -8.68
N ASP A 445 -11.22 -1.05 -8.62
CA ASP A 445 -11.64 -1.78 -9.81
C ASP A 445 -12.61 -0.97 -10.67
N SER A 446 -13.64 -0.40 -10.05
CA SER A 446 -14.65 0.38 -10.78
C SER A 446 -14.03 1.58 -11.52
N PHE A 447 -13.00 2.17 -10.92
CA PHE A 447 -12.27 3.26 -11.55
C PHE A 447 -11.40 2.74 -12.68
N THR A 448 -10.70 1.63 -12.45
CA THR A 448 -9.90 0.99 -13.50
C THR A 448 -10.81 0.54 -14.66
N ALA A 449 -12.04 0.12 -14.32
CA ALA A 449 -13.06 -0.22 -15.31
C ALA A 449 -13.38 0.97 -16.23
N TYR A 450 -13.69 2.11 -15.63
CA TYR A 450 -13.99 3.33 -16.37
C TYR A 450 -12.80 3.82 -17.19
N GLN A 451 -11.60 3.71 -16.61
CA GLN A 451 -10.37 4.13 -17.29
C GLN A 451 -10.11 3.25 -18.51
N GLU A 452 -10.50 1.98 -18.42
CA GLU A 452 -10.31 1.03 -19.52
C GLU A 452 -11.32 1.23 -20.66
N LYS A 453 -12.46 1.85 -20.35
CA LYS A 453 -13.43 2.23 -21.38
C LYS A 453 -12.93 3.41 -22.21
N LEU A 454 -12.42 4.43 -21.52
CA LEU A 454 -11.93 5.66 -22.14
C LEU A 454 -10.79 5.45 -23.15
N LEU A 455 -9.89 4.53 -22.83
CA LEU A 455 -8.74 4.24 -23.69
C LEU A 455 -9.12 3.49 -24.97
N GLU A 456 -10.22 2.72 -24.91
CA GLU A 456 -10.72 2.01 -26.08
C GLU A 456 -11.47 2.95 -27.01
N GLU A 457 -12.16 3.92 -26.41
CA GLU A 457 -12.93 4.93 -27.15
C GLU A 457 -12.03 5.85 -27.98
N ARG A 458 -11.00 6.40 -27.31
CA ARG A 458 -10.16 7.47 -27.84
C ARG A 458 -9.14 7.04 -28.91
N ARG A 459 -8.51 5.90 -28.68
CA ARG A 459 -7.33 5.43 -29.44
C ARG A 459 -7.42 5.44 -30.96
N LYS A 460 -8.64 5.22 -31.48
CA LYS A 460 -8.85 5.07 -32.92
C LYS A 460 -8.91 6.45 -33.57
N ASP A 461 -7.74 7.13 -33.62
CA ASP A 461 -7.68 8.50 -34.16
C ASP A 461 -6.38 8.75 -34.97
N PHE A 462 -5.30 8.06 -34.61
CA PHE A 462 -4.01 8.18 -35.28
C PHE A 462 -3.58 6.78 -35.76
N LEU A 463 -2.66 6.72 -36.71
CA LEU A 463 -2.22 5.44 -37.30
C LEU A 463 -1.50 4.51 -36.31
N ASP A 464 -0.54 5.05 -35.54
CA ASP A 464 0.16 4.24 -34.54
C ASP A 464 -0.19 4.57 -33.09
N TYR A 465 -0.57 3.51 -32.35
CA TYR A 465 -1.08 3.60 -30.98
C TYR A 465 -0.02 4.09 -29.99
N ALA A 466 0.94 3.19 -29.68
CA ALA A 466 1.79 3.39 -28.52
C ALA A 466 3.25 3.42 -28.89
N ILE A 467 3.86 4.60 -28.82
CA ILE A 467 5.27 4.74 -29.12
C ILE A 467 6.07 4.45 -27.87
N PHE A 468 7.03 3.55 -28.00
CA PHE A 468 8.03 3.32 -26.96
C PHE A 468 9.17 4.33 -27.13
N PRO A 469 9.75 4.82 -26.00
CA PRO A 469 10.80 5.83 -26.03
C PRO A 469 12.16 5.26 -26.43
N CYS A 470 12.90 6.01 -27.26
CA CYS A 470 14.31 5.70 -27.54
C CYS A 470 15.09 6.93 -28.01
N VAL A 471 16.39 6.89 -27.78
CA VAL A 471 17.30 7.95 -28.25
C VAL A 471 18.38 7.23 -29.00
N LEU A 472 18.72 7.76 -30.18
CA LEU A 472 19.58 7.06 -31.12
C LEU A 472 20.72 7.94 -31.59
N GLN A 473 21.90 7.33 -31.68
CA GLN A 473 23.06 7.97 -32.26
C GLN A 473 23.33 7.35 -33.65
N THR A 474 23.33 8.20 -34.67
CA THR A 474 23.54 7.75 -36.05
C THR A 474 25.00 7.36 -36.27
N LEU A 475 25.21 6.10 -36.63
CA LEU A 475 26.56 5.59 -36.89
C LEU A 475 26.90 5.71 -38.36
N GLN A 476 25.89 5.55 -39.22
CA GLN A 476 26.07 5.70 -40.66
C GLN A 476 24.76 5.74 -41.41
N ILE A 477 24.72 6.53 -42.47
CA ILE A 477 23.63 6.47 -43.44
C ILE A 477 23.89 5.31 -44.41
N ILE A 478 22.92 4.41 -44.50
CA ILE A 478 23.05 3.20 -45.33
C ILE A 478 22.36 3.42 -46.67
N ASN A 479 21.23 4.10 -46.66
CA ASN A 479 20.61 4.53 -47.89
C ASN A 479 20.00 5.88 -47.64
N LYS A 480 20.34 6.85 -48.46
CA LYS A 480 19.91 8.23 -48.22
C LYS A 480 18.41 8.43 -48.38
N ARG A 481 17.82 7.75 -49.37
CA ARG A 481 16.40 7.92 -49.65
C ARG A 481 15.86 6.79 -50.52
N GLY A 482 14.54 6.61 -50.47
CA GLY A 482 13.84 5.59 -51.24
C GLY A 482 14.38 4.17 -51.18
N PRO A 483 14.43 3.56 -49.97
CA PRO A 483 14.05 4.10 -48.67
C PRO A 483 15.22 4.66 -47.87
N MET A 484 14.96 5.62 -46.97
CA MET A 484 16.00 6.01 -46.01
C MET A 484 16.28 4.80 -45.09
N ILE A 485 17.54 4.36 -45.04
CA ILE A 485 18.00 3.34 -44.09
C ILE A 485 19.16 3.90 -43.27
N ILE A 486 19.03 3.88 -41.95
CA ILE A 486 20.06 4.45 -41.06
C ILE A 486 20.65 3.40 -40.14
N GLY A 487 21.97 3.41 -40.00
CA GLY A 487 22.65 2.57 -39.00
C GLY A 487 22.82 3.40 -37.74
N VAL A 488 22.35 2.86 -36.60
CA VAL A 488 22.34 3.62 -35.34
C VAL A 488 22.86 2.82 -34.16
N ASP A 489 23.09 3.53 -33.07
CA ASP A 489 23.35 2.93 -31.78
C ASP A 489 22.23 3.42 -30.88
N VAL A 490 21.55 2.48 -30.22
CA VAL A 490 20.49 2.80 -29.27
C VAL A 490 21.13 3.32 -28.00
N LEU A 491 21.05 4.63 -27.79
CA LEU A 491 21.61 5.25 -26.60
C LEU A 491 20.74 5.02 -25.38
N GLU A 492 19.43 5.25 -25.50
CA GLU A 492 18.50 5.09 -24.38
C GLU A 492 17.21 4.46 -24.84
N GLY A 493 16.61 3.67 -23.95
CA GLY A 493 15.29 3.10 -24.17
C GLY A 493 15.28 1.96 -25.17
N THR A 494 14.20 1.86 -25.92
CA THR A 494 13.98 0.67 -26.72
C THR A 494 13.40 1.08 -28.06
N LEU A 495 14.03 0.59 -29.13
CA LEU A 495 13.62 0.95 -30.49
C LEU A 495 12.80 -0.18 -31.10
N ARG A 496 11.64 0.16 -31.66
CA ARG A 496 10.72 -0.86 -32.17
C ARG A 496 10.28 -0.68 -33.62
N VAL A 497 9.74 -1.76 -34.20
CA VAL A 497 9.11 -1.68 -35.50
C VAL A 497 7.85 -0.86 -35.34
N GLY A 498 7.64 0.08 -36.25
CA GLY A 498 6.49 0.96 -36.19
C GLY A 498 6.79 2.28 -35.52
N THR A 499 7.92 2.37 -34.80
CA THR A 499 8.27 3.62 -34.11
C THR A 499 8.53 4.74 -35.11
N PRO A 500 7.84 5.88 -34.97
CA PRO A 500 8.19 7.05 -35.79
C PRO A 500 9.49 7.68 -35.28
N ILE A 501 10.45 7.87 -36.18
CA ILE A 501 11.78 8.42 -35.85
C ILE A 501 11.85 9.88 -36.31
N CYS A 502 12.48 10.72 -35.51
CA CYS A 502 12.62 12.11 -35.87
C CYS A 502 13.92 12.77 -35.38
N ALA A 503 14.24 13.92 -35.98
CA ALA A 503 15.25 14.85 -35.42
C ALA A 503 14.56 16.08 -34.86
N VAL A 504 15.25 16.80 -33.97
CA VAL A 504 14.73 18.07 -33.48
C VAL A 504 15.82 19.12 -33.73
N LYS A 505 15.48 20.17 -34.47
CA LYS A 505 16.47 21.18 -34.86
C LYS A 505 15.83 22.54 -34.80
N THR A 506 16.63 23.53 -34.44
CA THR A 506 16.14 24.89 -34.33
C THR A 506 16.27 25.65 -35.64
N ASP A 507 15.14 26.15 -36.14
CA ASP A 507 15.14 27.01 -37.33
C ASP A 507 15.83 28.34 -36.99
N PRO A 508 16.99 28.63 -37.65
CA PRO A 508 17.74 29.86 -37.36
C PRO A 508 16.93 31.15 -37.61
N THR A 509 16.13 31.17 -38.67
CA THR A 509 15.34 32.36 -39.03
C THR A 509 14.39 32.76 -37.90
N THR A 510 13.66 31.78 -37.37
CA THR A 510 12.65 32.04 -36.33
C THR A 510 13.09 31.65 -34.93
N LYS A 511 14.28 31.05 -34.81
CA LYS A 511 14.78 30.52 -33.52
C LYS A 511 13.81 29.49 -32.90
N GLU A 512 13.01 28.86 -33.74
CA GLU A 512 11.97 27.95 -33.28
C GLU A 512 12.45 26.50 -33.40
N ARG A 513 12.23 25.72 -32.35
CA ARG A 513 12.58 24.31 -32.39
C ARG A 513 11.53 23.51 -33.19
N GLN A 514 12.00 22.77 -34.19
CA GLN A 514 11.11 22.06 -35.11
C GLN A 514 11.37 20.56 -35.08
N THR A 515 10.33 19.78 -35.31
CA THR A 515 10.45 18.33 -35.34
C THR A 515 10.50 17.86 -36.78
N LEU A 516 11.51 17.06 -37.11
CA LEU A 516 11.72 16.63 -38.47
C LEU A 516 11.54 15.14 -38.54
N ILE A 517 10.34 14.75 -38.96
CA ILE A 517 9.95 13.35 -38.98
C ILE A 517 10.54 12.64 -40.18
N LEU A 518 11.36 11.63 -39.92
CA LEU A 518 12.02 10.89 -40.99
C LEU A 518 11.15 9.75 -41.52
N GLY A 519 10.28 9.20 -40.66
CA GLY A 519 9.40 8.11 -41.00
C GLY A 519 9.28 7.09 -39.89
N LYS A 520 8.63 5.96 -40.20
CA LYS A 520 8.40 4.89 -39.24
C LYS A 520 9.28 3.69 -39.53
N VAL A 521 9.76 3.04 -38.48
CA VAL A 521 10.62 1.89 -38.66
C VAL A 521 9.82 0.76 -39.30
N ILE A 522 10.27 0.34 -40.48
CA ILE A 522 9.76 -0.85 -41.17
C ILE A 522 10.45 -2.10 -40.62
N SER A 523 11.75 -1.99 -40.38
CA SER A 523 12.56 -3.17 -40.14
C SER A 523 13.83 -2.83 -39.38
N LEU A 524 14.32 -3.81 -38.61
CA LEU A 524 15.55 -3.67 -37.84
C LEU A 524 16.42 -4.91 -38.03
N GLU A 525 17.70 -4.69 -38.31
CA GLU A 525 18.64 -5.80 -38.47
C GLU A 525 19.91 -5.60 -37.66
N ILE A 526 20.34 -6.67 -36.99
CA ILE A 526 21.62 -6.72 -36.30
C ILE A 526 22.44 -7.83 -36.96
N ASN A 527 23.64 -7.47 -37.43
CA ASN A 527 24.47 -8.38 -38.22
C ASN A 527 23.67 -9.02 -39.35
N HIS A 528 22.83 -8.22 -40.01
CA HIS A 528 22.05 -8.63 -41.18
C HIS A 528 20.93 -9.64 -40.88
N GLN A 529 20.67 -9.89 -39.60
CA GLN A 529 19.56 -10.75 -39.19
C GLN A 529 18.44 -9.90 -38.59
N PRO A 530 17.20 -10.11 -39.05
CA PRO A 530 16.11 -9.23 -38.62
C PRO A 530 15.81 -9.36 -37.14
N VAL A 531 15.13 -8.36 -36.60
CA VAL A 531 14.85 -8.27 -35.17
C VAL A 531 13.60 -7.40 -35.02
N GLN A 532 12.80 -7.71 -34.00
CA GLN A 532 11.55 -6.98 -33.76
C GLN A 532 11.70 -5.77 -32.82
N GLU A 533 12.77 -5.76 -32.03
CA GLU A 533 13.11 -4.59 -31.21
C GLU A 533 14.56 -4.62 -30.69
N VAL A 534 15.12 -3.43 -30.43
CA VAL A 534 16.48 -3.31 -29.90
C VAL A 534 16.53 -2.33 -28.72
N LYS A 535 17.11 -2.76 -27.61
CA LYS A 535 17.19 -1.90 -26.43
C LYS A 535 18.61 -1.50 -26.09
N LYS A 536 18.74 -0.49 -25.24
CA LYS A 536 20.05 -0.07 -24.77
C LYS A 536 20.82 -1.29 -24.25
N GLY A 537 21.96 -1.56 -24.86
CA GLY A 537 22.82 -2.64 -24.39
C GLY A 537 22.73 -3.95 -25.15
N GLN A 538 21.64 -4.15 -25.89
CA GLN A 538 21.44 -5.38 -26.67
C GLN A 538 22.60 -5.71 -27.55
N THR A 539 23.01 -4.77 -28.39
CA THR A 539 24.12 -4.96 -29.29
C THR A 539 25.12 -3.84 -29.14
N ALA A 540 26.28 -4.04 -29.75
CA ALA A 540 27.31 -3.03 -29.83
C ALA A 540 27.81 -2.99 -31.27
N ALA A 541 27.06 -3.62 -32.17
CA ALA A 541 27.46 -3.76 -33.57
C ALA A 541 26.75 -2.75 -34.48
N GLY A 542 25.77 -2.05 -33.89
CA GLY A 542 24.91 -1.14 -34.65
C GLY A 542 23.67 -1.84 -35.16
N VAL A 543 22.66 -1.04 -35.48
CA VAL A 543 21.38 -1.56 -35.97
C VAL A 543 21.02 -0.85 -37.26
N ALA A 544 20.77 -1.60 -38.32
CA ALA A 544 20.27 -1.03 -39.57
C ALA A 544 18.78 -0.81 -39.42
N VAL A 545 18.34 0.42 -39.65
CA VAL A 545 16.96 0.81 -39.45
C VAL A 545 16.34 1.23 -40.77
N ARG A 546 15.37 0.45 -41.24
CA ARG A 546 14.72 0.71 -42.52
C ARG A 546 13.44 1.53 -42.31
N LEU A 547 13.37 2.69 -42.95
CA LEU A 547 12.26 3.60 -42.73
C LEU A 547 11.28 3.62 -43.87
N GLU A 548 10.00 3.58 -43.52
CA GLU A 548 8.91 3.89 -44.41
C GLU A 548 8.82 5.41 -44.49
N ASP A 549 8.64 5.93 -45.69
CA ASP A 549 8.47 7.37 -45.88
C ASP A 549 7.37 7.87 -44.98
N PRO A 550 7.42 9.14 -44.60
CA PRO A 550 6.38 9.75 -43.81
C PRO A 550 5.39 10.51 -44.71
N SER A 551 4.32 11.05 -44.13
CA SER A 551 3.36 11.86 -44.88
C SER A 551 3.93 13.25 -45.09
N GLY A 552 3.90 13.71 -46.33
CA GLY A 552 4.60 14.95 -46.68
C GLY A 552 6.06 14.62 -46.94
N GLN A 553 6.85 15.66 -47.24
CA GLN A 553 8.23 15.46 -47.67
C GLN A 553 9.10 14.87 -46.57
N GLN A 554 9.85 13.83 -46.90
CA GLN A 554 10.88 13.31 -46.01
C GLN A 554 12.04 14.30 -46.04
N PRO A 555 12.49 14.77 -44.85
CA PRO A 555 13.72 15.56 -44.79
C PRO A 555 14.85 14.90 -45.58
N ILE A 556 15.61 15.74 -46.31
CA ILE A 556 16.76 15.30 -47.10
C ILE A 556 18.01 15.18 -46.23
N TRP A 557 18.63 13.99 -46.28
CA TRP A 557 19.90 13.75 -45.60
C TRP A 557 20.94 14.73 -46.10
N GLY A 558 21.76 15.26 -45.17
CA GLY A 558 22.75 16.29 -45.50
C GLY A 558 22.15 17.68 -45.38
N ARG A 559 21.18 17.97 -46.24
CA ARG A 559 20.49 19.27 -46.26
C ARG A 559 19.73 19.57 -44.96
N HIS A 560 18.84 18.67 -44.56
CA HIS A 560 17.98 18.92 -43.40
C HIS A 560 18.44 18.18 -42.14
N VAL A 561 18.92 16.95 -42.32
CA VAL A 561 19.27 16.09 -41.20
C VAL A 561 20.53 15.35 -41.60
N ASP A 562 21.44 15.19 -40.64
CA ASP A 562 22.71 14.54 -40.93
C ASP A 562 23.18 13.72 -39.74
N GLU A 563 24.35 13.11 -39.86
CA GLU A 563 24.92 12.20 -38.86
C GLU A 563 25.14 12.82 -37.48
N ASN A 564 25.18 14.15 -37.39
CA ASN A 564 25.42 14.80 -36.09
C ASN A 564 24.13 15.05 -35.32
N ASP A 565 22.99 14.82 -35.95
CA ASP A 565 21.71 14.97 -35.29
C ASP A 565 21.33 13.71 -34.50
N THR A 566 21.06 13.88 -33.22
CA THR A 566 20.49 12.83 -32.38
C THR A 566 19.07 12.54 -32.87
N LEU A 567 18.72 11.26 -32.94
CA LEU A 567 17.36 10.88 -33.34
C LEU A 567 16.53 10.40 -32.16
N TYR A 568 15.23 10.59 -32.24
CA TYR A 568 14.31 10.27 -31.17
C TYR A 568 13.05 9.61 -31.71
N SER A 569 12.50 8.70 -30.90
CA SER A 569 11.11 8.31 -31.09
C SER A 569 10.26 9.56 -30.97
N LEU A 570 9.43 9.82 -31.97
CA LEU A 570 8.48 10.91 -31.91
C LEU A 570 7.37 10.53 -30.90
N VAL A 571 7.37 11.18 -29.75
CA VAL A 571 6.33 10.94 -28.74
C VAL A 571 5.46 12.17 -28.53
N SER A 572 4.22 11.93 -28.13
CA SER A 572 3.21 12.96 -27.96
C SER A 572 2.49 12.79 -26.62
N ARG A 573 1.72 13.80 -26.22
CA ARG A 573 0.76 13.65 -25.13
C ARG A 573 -0.08 12.40 -25.37
N ARG A 574 -0.62 12.27 -26.59
CA ARG A 574 -1.44 11.12 -26.99
C ARG A 574 -0.68 9.81 -26.87
N SER A 575 0.56 9.78 -27.35
CA SER A 575 1.35 8.55 -27.34
C SER A 575 1.73 8.12 -25.92
N ILE A 576 1.81 9.10 -25.02
CA ILE A 576 2.11 8.82 -23.62
C ILE A 576 0.89 8.21 -22.92
N ASP A 577 -0.30 8.79 -23.14
CA ASP A 577 -1.54 8.28 -22.53
C ASP A 577 -1.77 6.81 -22.92
N THR A 578 -1.49 6.51 -24.17
CA THR A 578 -1.68 5.17 -24.70
C THR A 578 -0.86 4.12 -23.95
N LEU A 579 0.32 4.49 -23.51
CA LEU A 579 1.18 3.56 -22.78
C LEU A 579 0.62 3.21 -21.40
N LYS A 580 -0.36 3.99 -20.94
CA LYS A 580 -1.01 3.75 -19.64
C LYS A 580 -2.14 2.72 -19.72
N ASP A 581 -2.30 2.10 -20.88
CA ASP A 581 -3.22 0.98 -21.06
C ASP A 581 -2.61 -0.24 -20.37
N LYS A 582 -3.48 -1.14 -19.90
CA LYS A 582 -3.06 -2.38 -19.25
C LYS A 582 -2.10 -3.21 -20.10
N ALA A 583 -2.35 -3.27 -21.42
CA ALA A 583 -1.55 -4.08 -22.33
C ALA A 583 -0.16 -3.52 -22.65
N PHE A 584 0.18 -2.36 -22.08
CA PHE A 584 1.52 -1.77 -22.26
C PHE A 584 2.20 -1.43 -20.94
N ARG A 585 1.39 -0.99 -19.97
CA ARG A 585 1.88 -0.56 -18.65
C ARG A 585 2.86 -1.54 -17.99
N ASP A 586 2.56 -2.84 -18.07
CA ASP A 586 3.39 -3.87 -17.45
C ASP A 586 4.74 -4.08 -18.13
N GLN A 587 4.82 -3.76 -19.42
CA GLN A 587 6.04 -3.96 -20.22
C GLN A 587 6.91 -2.72 -20.41
N VAL A 588 6.50 -1.60 -19.83
CA VAL A 588 7.29 -0.38 -19.86
C VAL A 588 8.21 -0.34 -18.64
N ALA A 589 9.49 -0.66 -18.80
CA ALA A 589 10.44 -0.57 -17.69
C ALA A 589 10.40 0.81 -17.01
N ARG A 590 10.89 0.90 -15.77
CA ARG A 590 10.93 2.19 -15.07
C ARG A 590 11.80 3.19 -15.83
N SER A 591 12.92 2.69 -16.35
CA SER A 591 13.85 3.49 -17.13
C SER A 591 13.18 4.17 -18.34
N ASP A 592 12.18 3.50 -18.92
CA ASP A 592 11.47 4.00 -20.09
C ASP A 592 10.47 5.09 -19.73
N TRP A 593 9.84 4.97 -18.56
CA TRP A 593 9.03 6.06 -18.04
C TRP A 593 9.88 7.29 -17.79
N LEU A 594 11.06 7.07 -17.21
CA LEU A 594 12.00 8.15 -16.94
C LEU A 594 12.45 8.79 -18.23
N LEU A 595 12.79 7.97 -19.22
CA LEU A 595 13.16 8.47 -20.54
C LEU A 595 12.02 9.28 -21.17
N LEU A 596 10.79 8.80 -21.03
CA LEU A 596 9.62 9.54 -21.54
C LEU A 596 9.48 10.93 -20.94
N LYS A 597 9.83 11.07 -19.66
CA LYS A 597 9.79 12.36 -19.00
C LYS A 597 10.80 13.31 -19.62
N LYS A 598 11.98 12.80 -19.97
CA LYS A 598 12.98 13.62 -20.62
C LYS A 598 12.53 14.06 -22.02
N LEU A 599 11.89 13.17 -22.75
CA LEU A 599 11.48 13.47 -24.13
C LEU A 599 10.38 14.53 -24.15
N LYS A 600 9.57 14.55 -23.11
CA LYS A 600 8.58 15.62 -22.96
C LYS A 600 9.26 16.99 -23.05
N VAL A 601 10.41 17.11 -22.41
CA VAL A 601 11.16 18.36 -22.44
C VAL A 601 11.71 18.65 -23.84
N VAL A 602 12.18 17.62 -24.53
CA VAL A 602 12.67 17.77 -25.89
C VAL A 602 11.56 18.28 -26.79
N PHE A 603 10.37 17.66 -26.67
CA PHE A 603 9.26 17.95 -27.57
C PHE A 603 8.34 19.04 -27.07
N GLY A 604 8.61 19.56 -25.86
CA GLY A 604 7.79 20.65 -25.32
C GLY A 604 6.40 20.21 -24.83
N ILE A 605 6.29 18.99 -24.33
CA ILE A 605 5.01 18.47 -23.87
C ILE A 605 4.83 18.73 -22.38
N GLU A 606 3.78 19.46 -22.03
CA GLU A 606 3.45 19.72 -20.62
C GLU A 606 2.81 18.49 -19.98
#